data_1VCF
#
_entry.id   1VCF
#
_cell.length_a   144.427
_cell.length_b   144.427
_cell.length_c   169.821
_cell.angle_alpha   90.00
_cell.angle_beta   90.00
_cell.angle_gamma   90.00
#
_symmetry.space_group_name_H-M   'I 4 2 2'
#
loop_
_entity.id
_entity.type
_entity.pdbx_description
1 polymer 'isopentenyl-diphosphate delta-isomerase'
2 non-polymer 'CADMIUM ION'
3 non-polymer 'FLAVIN MONONUCLEOTIDE'
#
_entity_poly.entity_id   1
_entity_poly.type   'polypeptide(L)'
_entity_poly.pdbx_seq_one_letter_code
;(MSE)NIRERKRKHLEACLEGEVAYQKTTTGLEGFRLRYQALAGLALSEVDLTTPFLGKTLKAPFLIGA(MSE)TGGEEN
GERINLALAEAAEALGVG(MSE)(MSE)LGSGRILLERPEALRSFRVRKVAPKALLIANLGLAQLRRYGRDDLLRLVE
(MSE)LEADALAFHVNPLQEAVQRGDTDFRGLVERLAELLPLPFPV(MSE)VKEVGHGLSREAALALRDLPLAAVDVAGA
GGTSWARVEEWVRFGEVRHPELCEIGIPTARAILEVREVLPHLPLVASGGVYTGTDGAKALALGADLLAVARPLLRPALE
GAERVAAWIGDYLEELRTALFAIGARNPKEARGRVERV
;
_entity_poly.pdbx_strand_id   A,B
#
loop_
_chem_comp.id
_chem_comp.type
_chem_comp.name
_chem_comp.formula
CD non-polymer 'CADMIUM ION' 'Cd 2'
FMN non-polymer 'FLAVIN MONONUCLEOTIDE' 'C17 H21 N4 O9 P'
#
# COMPACT_ATOMS: atom_id res chain seq x y z
N LYS A 23 7.90 -24.24 1.77
CA LYS A 23 7.32 -25.56 1.44
C LYS A 23 6.50 -26.08 2.61
N THR A 24 6.77 -25.53 3.79
CA THR A 24 6.04 -25.91 5.00
C THR A 24 5.11 -24.76 5.40
N THR A 25 3.83 -25.07 5.60
CA THR A 25 2.85 -24.06 5.97
C THR A 25 2.54 -24.07 7.45
N THR A 26 1.80 -23.07 7.90
CA THR A 26 1.43 -22.97 9.30
C THR A 26 0.48 -24.09 9.68
N GLY A 27 -0.29 -24.57 8.70
CA GLY A 27 -1.24 -25.63 8.96
C GLY A 27 -2.63 -25.03 9.17
N LEU A 28 -2.67 -23.71 9.33
CA LEU A 28 -3.95 -23.02 9.54
C LEU A 28 -4.89 -23.13 8.35
N GLU A 29 -4.35 -23.44 7.18
CA GLU A 29 -5.20 -23.59 6.00
C GLU A 29 -6.00 -24.89 6.08
N GLY A 30 -5.63 -25.75 7.03
CA GLY A 30 -6.33 -27.01 7.18
C GLY A 30 -7.45 -26.88 8.19
N PHE A 31 -7.85 -25.64 8.45
CA PHE A 31 -8.92 -25.37 9.39
C PHE A 31 -9.92 -24.40 8.81
N ARG A 32 -11.16 -24.52 9.25
CA ARG A 32 -12.21 -23.64 8.76
C ARG A 32 -12.88 -22.94 9.92
N LEU A 33 -12.99 -21.62 9.83
CA LEU A 33 -13.68 -20.83 10.86
C LEU A 33 -15.16 -21.18 10.70
N ARG A 34 -15.84 -21.44 11.82
CA ARG A 34 -17.26 -21.80 11.78
C ARG A 34 -18.17 -20.59 11.68
N TYR A 35 -18.44 -20.15 10.45
CA TYR A 35 -19.29 -18.99 10.22
C TYR A 35 -20.68 -19.17 10.83
N GLN A 36 -21.13 -18.15 11.56
CA GLN A 36 -22.42 -18.14 12.23
C GLN A 36 -23.37 -17.03 11.77
N ALA A 37 -24.11 -17.26 10.69
CA ALA A 37 -25.06 -16.27 10.18
C ALA A 37 -26.08 -15.74 11.22
N LEU A 38 -26.64 -16.64 12.03
CA LEU A 38 -27.63 -16.22 13.03
C LEU A 38 -27.09 -16.12 14.46
N ALA A 39 -25.81 -15.81 14.62
CA ALA A 39 -25.21 -15.71 15.96
C ALA A 39 -25.84 -14.61 16.80
N GLY A 40 -26.48 -13.65 16.14
CA GLY A 40 -27.14 -12.56 16.83
C GLY A 40 -26.26 -11.50 17.50
N LEU A 41 -25.11 -11.22 16.93
CA LEU A 41 -24.21 -10.20 17.50
C LEU A 41 -24.30 -8.88 16.72
N ALA A 42 -23.71 -7.85 17.30
CA ALA A 42 -23.64 -6.54 16.63
C ALA A 42 -22.12 -6.39 16.52
N LEU A 43 -21.63 -6.06 15.33
CA LEU A 43 -20.19 -5.93 15.15
C LEU A 43 -19.56 -5.09 16.25
N SER A 44 -20.26 -4.04 16.70
CA SER A 44 -19.75 -3.16 17.76
C SER A 44 -19.64 -3.81 19.13
N GLU A 45 -20.21 -5.00 19.28
CA GLU A 45 -20.21 -5.74 20.55
C GLU A 45 -18.87 -6.46 20.81
N VAL A 46 -18.14 -6.79 19.75
CA VAL A 46 -16.85 -7.47 19.89
C VAL A 46 -15.74 -6.58 20.47
N ASP A 47 -15.23 -7.01 21.62
CA ASP A 47 -14.21 -6.32 22.38
C ASP A 47 -12.84 -7.03 22.28
N LEU A 48 -11.84 -6.33 21.77
CA LEU A 48 -10.51 -6.92 21.63
C LEU A 48 -9.61 -6.66 22.83
N THR A 49 -10.08 -5.83 23.76
CA THR A 49 -9.30 -5.52 24.96
C THR A 49 -8.79 -6.79 25.60
N THR A 50 -7.48 -6.86 25.82
CA THR A 50 -6.93 -8.04 26.46
C THR A 50 -5.69 -7.72 27.28
N PRO A 51 -5.79 -7.86 28.60
CA PRO A 51 -4.63 -7.58 29.45
C PRO A 51 -3.56 -8.64 29.20
N PHE A 52 -2.30 -8.22 29.27
CA PHE A 52 -1.19 -9.11 29.03
C PHE A 52 0.06 -8.57 29.74
N LEU A 53 0.83 -9.46 30.37
CA LEU A 53 2.05 -9.07 31.04
C LEU A 53 1.97 -7.79 31.88
N GLY A 54 0.87 -7.59 32.59
CA GLY A 54 0.78 -6.41 33.44
C GLY A 54 0.06 -5.19 32.94
N LYS A 55 0.09 -4.93 31.64
CA LYS A 55 -0.59 -3.76 31.10
C LYS A 55 -1.82 -4.25 30.34
N THR A 56 -2.73 -3.34 30.01
CA THR A 56 -3.95 -3.72 29.30
C THR A 56 -3.91 -3.29 27.85
N LEU A 57 -3.92 -4.27 26.94
CA LEU A 57 -3.85 -4.01 25.50
C LEU A 57 -5.22 -3.75 24.87
N LYS A 58 -5.25 -2.98 23.79
CA LYS A 58 -6.51 -2.68 23.10
C LYS A 58 -6.87 -3.82 22.17
N ALA A 59 -5.89 -4.68 21.90
CA ALA A 59 -6.06 -5.85 21.02
C ALA A 59 -5.05 -6.90 21.48
N PRO A 60 -5.30 -8.17 21.15
CA PRO A 60 -4.41 -9.29 21.52
C PRO A 60 -3.35 -9.41 20.45
N PHE A 61 -2.58 -8.34 20.27
CA PHE A 61 -1.58 -8.30 19.24
C PHE A 61 -0.23 -7.82 19.74
N LEU A 62 0.85 -8.38 19.19
CA LEU A 62 2.20 -7.98 19.56
C LEU A 62 3.02 -7.82 18.30
N ILE A 63 3.92 -6.84 18.31
CA ILE A 63 4.80 -6.64 17.16
C ILE A 63 5.96 -7.57 17.47
N GLY A 64 6.19 -8.54 16.59
CA GLY A 64 7.26 -9.50 16.80
C GLY A 64 8.65 -8.92 16.89
N ALA A 65 9.53 -9.66 17.58
CA ALA A 65 10.91 -9.25 17.77
C ALA A 65 11.70 -9.23 16.45
N MSE A 66 12.43 -8.15 16.21
CA MSE A 66 13.24 -8.05 15.01
C MSE A 66 14.54 -7.26 15.24
O MSE A 66 14.56 -6.25 15.95
CB MSE A 66 12.43 -7.44 13.87
CG MSE A 66 11.32 -8.34 13.38
SE MSE A 66 10.57 -7.78 11.82
CE MSE A 66 9.70 -6.27 12.41
N THR A 67 15.62 -7.76 14.66
CA THR A 67 16.92 -7.13 14.77
C THR A 67 17.23 -6.41 13.46
N GLU A 71 21.99 0.03 10.51
CA GLU A 71 21.69 1.27 9.82
C GLU A 71 20.25 1.70 10.11
N ASN A 72 19.29 0.88 9.70
CA ASN A 72 17.88 1.18 9.90
C ASN A 72 17.39 0.85 11.30
N GLY A 73 18.20 0.11 12.05
CA GLY A 73 17.83 -0.27 13.40
C GLY A 73 16.95 0.72 14.15
N GLU A 74 17.54 1.80 14.67
CA GLU A 74 16.79 2.80 15.41
C GLU A 74 15.60 3.34 14.63
N ARG A 75 15.75 3.49 13.31
CA ARG A 75 14.68 4.00 12.46
C ARG A 75 13.41 3.12 12.53
N ILE A 76 13.62 1.81 12.36
CA ILE A 76 12.55 0.83 12.40
C ILE A 76 11.89 0.71 13.75
N ASN A 77 12.69 0.60 14.81
CA ASN A 77 12.13 0.47 16.14
C ASN A 77 11.19 1.60 16.49
N LEU A 78 11.53 2.82 16.07
CA LEU A 78 10.69 3.97 16.39
C LEU A 78 9.38 4.02 15.60
N ALA A 79 9.37 3.38 14.43
CA ALA A 79 8.16 3.36 13.63
C ALA A 79 7.19 2.38 14.27
N LEU A 80 7.75 1.25 14.70
CA LEU A 80 6.98 0.20 15.35
C LEU A 80 6.45 0.69 16.69
N ALA A 81 7.35 1.22 17.52
CA ALA A 81 6.99 1.71 18.84
C ALA A 81 5.91 2.76 18.80
N GLU A 82 6.06 3.72 17.90
CA GLU A 82 5.09 4.81 17.78
C GLU A 82 3.72 4.27 17.42
N ALA A 83 3.70 3.35 16.45
CA ALA A 83 2.46 2.72 16.00
C ALA A 83 1.84 1.96 17.17
N ALA A 84 2.65 1.12 17.82
CA ALA A 84 2.23 0.32 18.96
C ALA A 84 1.51 1.20 19.96
N GLU A 85 2.13 2.34 20.30
CA GLU A 85 1.53 3.29 21.21
C GLU A 85 0.18 3.78 20.72
N ALA A 86 0.08 4.08 19.43
CA ALA A 86 -1.17 4.57 18.89
C ALA A 86 -2.25 3.51 18.92
N LEU A 87 -1.92 2.29 18.50
CA LEU A 87 -2.91 1.21 18.46
C LEU A 87 -3.21 0.51 19.79
N GLY A 88 -2.42 0.77 20.83
CA GLY A 88 -2.65 0.13 22.11
C GLY A 88 -2.25 -1.34 22.09
N VAL A 89 -1.19 -1.60 21.32
CA VAL A 89 -0.66 -2.94 21.12
C VAL A 89 0.72 -3.13 21.75
N GLY A 90 1.10 -4.37 21.98
CA GLY A 90 2.38 -4.65 22.59
C GLY A 90 3.50 -4.72 21.58
N MSE A 91 4.74 -4.60 22.05
CA MSE A 91 5.87 -4.66 21.15
C MSE A 91 7.10 -5.35 21.73
O MSE A 91 7.61 -4.97 22.78
CB MSE A 91 6.26 -3.27 20.69
CG MSE A 91 7.05 -3.29 19.40
SE MSE A 91 8.28 -1.84 19.23
CE MSE A 91 9.91 -2.89 19.05
N MSE A 92 7.59 -6.36 21.01
CA MSE A 92 8.77 -7.08 21.43
C MSE A 92 9.99 -6.51 20.71
O MSE A 92 9.99 -6.32 19.49
CB MSE A 92 8.65 -8.56 21.06
CG MSE A 92 7.54 -9.27 21.81
SE MSE A 92 7.73 -11.21 21.78
CE MSE A 92 6.83 -11.61 20.09
N LEU A 93 11.03 -6.20 21.49
CA LEU A 93 12.24 -5.65 20.93
C LEU A 93 13.14 -6.79 20.47
N GLY A 94 14.12 -6.48 19.63
CA GLY A 94 15.03 -7.50 19.16
C GLY A 94 16.00 -7.82 20.28
N SER A 95 16.84 -8.82 20.07
CA SER A 95 17.82 -9.22 21.08
C SER A 95 18.64 -8.05 21.61
N GLY A 96 18.61 -7.88 22.93
CA GLY A 96 19.37 -6.82 23.59
C GLY A 96 20.79 -7.27 23.83
N ARG A 97 21.11 -8.44 23.27
CA ARG A 97 22.43 -9.03 23.39
C ARG A 97 23.53 -7.96 23.32
N ILE A 98 23.57 -7.23 22.20
CA ILE A 98 24.58 -6.19 21.99
C ILE A 98 24.57 -5.10 23.05
N LEU A 99 23.40 -4.83 23.63
CA LEU A 99 23.29 -3.80 24.65
C LEU A 99 24.12 -4.13 25.88
N LEU A 100 24.31 -5.41 26.16
CA LEU A 100 25.11 -5.80 27.30
C LEU A 100 26.56 -5.41 27.05
N GLU A 101 27.10 -5.89 25.93
CA GLU A 101 28.49 -5.61 25.56
C GLU A 101 28.77 -4.20 25.01
N ARG A 102 27.84 -3.66 24.23
CA ARG A 102 28.00 -2.33 23.66
C ARG A 102 26.95 -1.34 24.19
N PRO A 103 27.15 -0.80 25.40
CA PRO A 103 26.22 0.15 26.02
C PRO A 103 25.93 1.40 25.18
N GLU A 104 26.59 1.51 24.02
CA GLU A 104 26.41 2.66 23.14
C GLU A 104 25.27 2.48 22.16
N ALA A 105 24.92 1.22 21.90
CA ALA A 105 23.82 0.91 20.99
C ALA A 105 22.52 1.01 21.79
N LEU A 106 22.59 1.77 22.89
CA LEU A 106 21.47 1.99 23.79
C LEU A 106 20.39 2.82 23.10
N ARG A 107 20.81 3.85 22.37
CA ARG A 107 19.87 4.72 21.67
C ARG A 107 19.15 4.00 20.53
N SER A 108 19.79 2.98 19.98
CA SER A 108 19.20 2.22 18.88
C SER A 108 17.89 1.58 19.31
N PHE A 109 17.79 1.24 20.60
CA PHE A 109 16.59 0.61 21.14
C PHE A 109 15.72 1.55 21.96
N ARG A 110 16.34 2.48 22.70
CA ARG A 110 15.60 3.43 23.52
C ARG A 110 14.41 3.89 22.70
N VAL A 111 13.21 3.41 23.07
CA VAL A 111 12.02 3.73 22.30
C VAL A 111 10.91 4.41 23.08
N ARG A 112 11.03 4.46 24.40
CA ARG A 112 10.01 5.08 25.24
C ARG A 112 9.76 6.54 24.86
N LYS A 113 10.75 7.17 24.25
CA LYS A 113 10.64 8.56 23.80
C LYS A 113 9.36 8.74 22.97
N VAL A 114 9.10 7.78 22.09
CA VAL A 114 7.93 7.83 21.22
C VAL A 114 6.82 6.86 21.68
N ALA A 115 7.16 5.96 22.61
CA ALA A 115 6.18 5.00 23.12
C ALA A 115 6.24 4.92 24.64
N PRO A 116 5.78 5.98 25.33
CA PRO A 116 5.76 6.12 26.79
C PRO A 116 4.95 5.12 27.63
N LYS A 117 3.83 4.66 27.10
CA LYS A 117 2.98 3.76 27.85
C LYS A 117 2.79 2.34 27.29
N ALA A 118 3.29 2.11 26.08
CA ALA A 118 3.15 0.80 25.45
C ALA A 118 3.75 -0.34 26.28
N LEU A 119 3.35 -1.56 26.00
CA LEU A 119 3.86 -2.74 26.70
C LEU A 119 5.10 -3.15 25.89
N LEU A 120 6.29 -3.00 26.47
CA LEU A 120 7.53 -3.36 25.78
C LEU A 120 8.12 -4.59 26.41
N ILE A 121 8.55 -5.52 25.56
CA ILE A 121 9.11 -6.76 26.04
C ILE A 121 10.53 -6.90 25.57
N ALA A 122 11.45 -6.93 26.53
CA ALA A 122 12.86 -7.08 26.23
C ALA A 122 13.13 -8.48 25.64
N ASN A 123 14.19 -8.61 24.85
CA ASN A 123 14.51 -9.89 24.25
C ASN A 123 15.94 -10.34 24.51
N LEU A 124 16.16 -11.64 24.57
CA LEU A 124 17.51 -12.17 24.81
C LEU A 124 17.49 -13.68 24.63
N GLY A 125 18.54 -14.21 24.00
CA GLY A 125 18.60 -15.65 23.81
C GLY A 125 18.74 -16.35 25.14
N LEU A 126 18.06 -17.48 25.29
CA LEU A 126 18.11 -18.27 26.51
C LEU A 126 19.51 -18.82 26.70
N ALA A 127 20.24 -18.94 25.60
CA ALA A 127 21.60 -19.46 25.65
C ALA A 127 22.55 -18.48 26.35
N GLN A 128 22.09 -17.24 26.52
CA GLN A 128 22.89 -16.23 27.18
C GLN A 128 22.96 -16.43 28.69
N LEU A 129 22.04 -17.21 29.25
CA LEU A 129 22.04 -17.43 30.69
C LEU A 129 23.33 -18.02 31.23
N ARG A 130 24.17 -18.55 30.34
CA ARG A 130 25.44 -19.12 30.78
C ARG A 130 26.58 -18.09 30.79
N ARG A 131 26.30 -16.88 30.33
CA ARG A 131 27.32 -15.84 30.30
C ARG A 131 26.81 -14.58 30.98
N TYR A 132 25.58 -14.62 31.47
CA TYR A 132 25.00 -13.45 32.12
C TYR A 132 24.17 -13.82 33.34
N GLY A 133 24.29 -12.99 34.37
CA GLY A 133 23.57 -13.24 35.61
C GLY A 133 22.38 -12.33 35.86
N ARG A 134 21.77 -12.55 37.02
CA ARG A 134 20.60 -11.80 37.43
C ARG A 134 20.75 -10.30 37.23
N ASP A 135 21.83 -9.73 37.73
CA ASP A 135 22.04 -8.30 37.61
C ASP A 135 22.09 -7.81 36.17
N ASP A 136 22.60 -8.65 35.29
CA ASP A 136 22.70 -8.31 33.88
C ASP A 136 21.32 -8.27 33.26
N LEU A 137 20.46 -9.18 33.70
CA LEU A 137 19.11 -9.26 33.20
C LEU A 137 18.32 -8.04 33.69
N LEU A 138 18.51 -7.66 34.94
CA LEU A 138 17.79 -6.52 35.47
C LEU A 138 18.25 -5.26 34.78
N ARG A 139 19.54 -5.19 34.50
CA ARG A 139 20.10 -4.01 33.84
C ARG A 139 19.52 -3.84 32.44
N LEU A 140 19.44 -4.93 31.70
CA LEU A 140 18.90 -4.90 30.34
C LEU A 140 17.48 -4.34 30.26
N VAL A 141 16.55 -4.91 31.04
CA VAL A 141 15.18 -4.42 30.97
C VAL A 141 15.06 -3.01 31.53
N GLU A 142 15.92 -2.65 32.48
CA GLU A 142 15.88 -1.32 33.06
C GLU A 142 16.45 -0.29 32.12
N MSE A 143 17.49 -0.66 31.38
CA MSE A 143 18.06 0.25 30.41
C MSE A 143 17.01 0.53 29.35
O MSE A 143 16.81 1.66 28.92
CB MSE A 143 19.27 -0.37 29.69
CG MSE A 143 20.56 -0.47 30.48
SE MSE A 143 21.88 -1.01 29.32
CE MSE A 143 21.85 -2.80 29.55
N LEU A 144 16.33 -0.54 28.91
CA LEU A 144 15.30 -0.46 27.88
C LEU A 144 13.96 0.06 28.39
N GLU A 145 13.84 0.16 29.71
CA GLU A 145 12.61 0.61 30.35
C GLU A 145 11.50 -0.33 29.90
N ALA A 146 11.84 -1.61 29.79
CA ALA A 146 10.90 -2.63 29.36
C ALA A 146 9.99 -3.07 30.50
N ASP A 147 8.89 -3.75 30.16
CA ASP A 147 7.94 -4.22 31.15
C ASP A 147 8.06 -5.74 31.39
N ALA A 148 8.86 -6.41 30.55
CA ALA A 148 9.01 -7.85 30.67
C ALA A 148 10.20 -8.31 29.85
N LEU A 149 10.61 -9.57 30.02
CA LEU A 149 11.74 -10.12 29.29
C LEU A 149 11.37 -11.42 28.58
N ALA A 150 11.68 -11.52 27.30
CA ALA A 150 11.39 -12.74 26.54
C ALA A 150 12.69 -13.42 26.13
N PHE A 151 12.82 -14.70 26.49
CA PHE A 151 14.00 -15.49 26.14
C PHE A 151 13.69 -16.35 24.93
N HIS A 152 14.50 -16.21 23.89
CA HIS A 152 14.27 -17.05 22.73
C HIS A 152 15.25 -18.21 22.70
N VAL A 153 14.74 -19.39 22.38
CA VAL A 153 15.56 -20.59 22.32
C VAL A 153 15.46 -21.08 20.89
N ASN A 154 16.61 -21.26 20.24
CA ASN A 154 16.67 -21.67 18.83
C ASN A 154 17.81 -22.65 18.48
N PRO A 155 17.84 -23.82 19.14
CA PRO A 155 18.95 -24.73 18.80
C PRO A 155 19.14 -24.93 17.28
N LEU A 156 18.07 -25.18 16.54
CA LEU A 156 18.19 -25.38 15.10
C LEU A 156 18.92 -24.24 14.40
N GLN A 157 18.41 -23.03 14.57
CA GLN A 157 19.05 -21.88 13.94
C GLN A 157 20.55 -21.77 14.28
N GLU A 158 20.90 -21.72 15.56
CA GLU A 158 22.31 -21.59 15.92
C GLU A 158 23.10 -22.81 15.42
N ALA A 159 22.45 -23.97 15.36
CA ALA A 159 23.12 -25.18 14.90
C ALA A 159 23.49 -25.09 13.43
N VAL A 160 22.52 -24.68 12.61
CA VAL A 160 22.74 -24.55 11.18
C VAL A 160 23.77 -23.45 10.92
N GLN A 161 23.77 -22.42 11.75
CA GLN A 161 24.70 -21.30 11.61
C GLN A 161 26.03 -21.55 12.31
N ARG A 162 26.27 -22.79 12.68
CA ARG A 162 27.50 -23.19 13.36
C ARG A 162 27.85 -22.20 14.48
N GLY A 163 26.85 -21.53 15.03
CA GLY A 163 27.09 -20.59 16.11
C GLY A 163 27.26 -21.31 17.44
N ASP A 164 26.59 -20.82 18.48
CA ASP A 164 26.67 -21.45 19.79
C ASP A 164 25.58 -22.52 19.92
N THR A 165 26.02 -23.77 19.86
CA THR A 165 25.12 -24.92 19.89
C THR A 165 25.01 -25.68 21.22
N ASP A 166 25.57 -25.13 22.28
CA ASP A 166 25.47 -25.82 23.55
C ASP A 166 24.24 -25.29 24.25
N PHE A 167 23.21 -26.13 24.31
CA PHE A 167 21.95 -25.77 24.96
C PHE A 167 21.70 -26.57 26.23
N ARG A 168 22.75 -27.01 26.90
CA ARG A 168 22.59 -27.80 28.12
C ARG A 168 22.32 -26.96 29.35
N GLY A 169 21.44 -27.46 30.21
CA GLY A 169 21.11 -26.79 31.44
C GLY A 169 20.49 -25.42 31.36
N LEU A 170 20.05 -25.00 30.18
CA LEU A 170 19.46 -23.68 30.08
C LEU A 170 18.15 -23.59 30.84
N VAL A 171 17.30 -24.60 30.73
CA VAL A 171 16.03 -24.57 31.44
C VAL A 171 16.23 -24.56 32.96
N GLU A 172 17.14 -25.39 33.45
CA GLU A 172 17.43 -25.47 34.89
C GLU A 172 18.05 -24.14 35.39
N ARG A 173 18.81 -23.49 34.51
CA ARG A 173 19.46 -22.23 34.81
C ARG A 173 18.40 -21.14 34.92
N LEU A 174 17.36 -21.22 34.08
CA LEU A 174 16.28 -20.24 34.10
C LEU A 174 15.41 -20.50 35.33
N ALA A 175 15.23 -21.77 35.66
CA ALA A 175 14.42 -22.17 36.81
C ALA A 175 15.00 -21.58 38.09
N GLU A 176 16.32 -21.60 38.20
CA GLU A 176 16.99 -21.05 39.39
C GLU A 176 16.68 -19.55 39.50
N LEU A 177 16.87 -18.83 38.41
CA LEU A 177 16.63 -17.38 38.36
C LEU A 177 15.16 -16.96 38.37
N LEU A 178 14.39 -17.60 37.50
CA LEU A 178 12.99 -17.26 37.26
C LEU A 178 12.25 -16.30 38.16
N PRO A 179 12.13 -16.58 39.47
CA PRO A 179 11.39 -15.52 40.18
C PRO A 179 12.15 -14.20 39.97
N LEU A 180 11.72 -13.41 38.99
CA LEU A 180 12.36 -12.12 38.68
C LEU A 180 11.41 -10.96 38.96
N PRO A 181 11.96 -9.74 39.06
CA PRO A 181 11.15 -8.55 39.35
C PRO A 181 10.15 -8.14 38.27
N PHE A 182 10.08 -8.92 37.20
CA PHE A 182 9.17 -8.64 36.10
C PHE A 182 8.75 -9.93 35.42
N PRO A 183 7.65 -9.89 34.65
CA PRO A 183 7.17 -11.08 33.95
C PRO A 183 8.18 -11.57 32.91
N VAL A 184 8.32 -12.88 32.82
CA VAL A 184 9.24 -13.50 31.89
C VAL A 184 8.53 -14.51 30.99
N MSE A 185 8.96 -14.61 29.73
CA MSE A 185 8.35 -15.55 28.81
C MSE A 185 9.41 -16.21 27.94
O MSE A 185 10.57 -15.80 27.93
CB MSE A 185 7.31 -14.88 27.93
CG MSE A 185 7.86 -13.80 27.03
SE MSE A 185 6.50 -13.03 25.86
CE MSE A 185 6.34 -14.49 24.59
N VAL A 186 9.01 -17.25 27.21
CA VAL A 186 9.91 -18.00 26.33
C VAL A 186 9.33 -18.14 24.93
N LYS A 187 10.19 -18.09 23.92
CA LYS A 187 9.73 -18.20 22.55
C LYS A 187 10.75 -18.88 21.63
N GLU A 188 10.27 -19.43 20.52
CA GLU A 188 11.16 -20.02 19.52
C GLU A 188 11.37 -18.85 18.53
N VAL A 189 11.80 -19.14 17.30
CA VAL A 189 12.04 -18.08 16.33
C VAL A 189 11.54 -18.41 14.92
N GLY A 190 10.53 -19.26 14.83
CA GLY A 190 10.00 -19.62 13.54
C GLY A 190 10.11 -21.11 13.23
N HIS A 191 10.60 -21.88 14.20
CA HIS A 191 10.73 -23.32 14.02
C HIS A 191 9.81 -24.07 14.98
N GLY A 192 9.18 -23.30 15.87
CA GLY A 192 8.21 -23.83 16.82
C GLY A 192 8.59 -24.64 18.04
N LEU A 193 7.71 -24.59 19.04
CA LEU A 193 7.89 -25.33 20.28
C LEU A 193 6.97 -26.57 20.25
N SER A 194 7.51 -27.73 20.56
CA SER A 194 6.74 -28.98 20.58
C SER A 194 6.07 -29.19 21.93
N ARG A 195 5.27 -30.26 22.02
CA ARG A 195 4.60 -30.56 23.29
C ARG A 195 5.65 -30.95 24.35
N GLU A 196 6.67 -31.74 23.97
CA GLU A 196 7.68 -32.09 24.96
C GLU A 196 8.47 -30.83 25.33
N ALA A 197 8.50 -29.85 24.44
CA ALA A 197 9.18 -28.60 24.77
C ALA A 197 8.38 -27.95 25.89
N ALA A 198 7.05 -27.91 25.73
CA ALA A 198 6.16 -27.30 26.72
C ALA A 198 6.33 -28.04 28.03
N LEU A 199 6.56 -29.34 27.96
CA LEU A 199 6.76 -30.15 29.15
C LEU A 199 7.98 -29.63 29.91
N ALA A 200 9.06 -29.35 29.20
CA ALA A 200 10.27 -28.86 29.83
C ALA A 200 10.05 -27.51 30.50
N LEU A 201 9.00 -26.80 30.10
CA LEU A 201 8.70 -25.48 30.68
C LEU A 201 7.63 -25.54 31.77
N ARG A 202 6.91 -26.65 31.81
CA ARG A 202 5.82 -26.87 32.74
C ARG A 202 5.96 -26.33 34.17
N ASP A 203 7.06 -26.63 34.86
CA ASP A 203 7.17 -26.18 36.24
C ASP A 203 7.72 -24.77 36.49
N LEU A 204 8.15 -24.10 35.43
CA LEU A 204 8.68 -22.75 35.53
C LEU A 204 7.59 -21.71 35.68
N PRO A 205 7.76 -20.74 36.59
CA PRO A 205 6.75 -19.71 36.77
C PRO A 205 6.83 -18.64 35.66
N LEU A 206 6.59 -19.05 34.41
CA LEU A 206 6.63 -18.12 33.28
C LEU A 206 5.35 -17.31 33.24
N ALA A 207 5.39 -16.16 32.57
CA ALA A 207 4.22 -15.31 32.45
C ALA A 207 3.50 -15.54 31.13
N ALA A 208 4.18 -16.16 30.18
CA ALA A 208 3.60 -16.44 28.86
C ALA A 208 4.57 -17.20 27.99
N VAL A 209 4.06 -17.78 26.91
CA VAL A 209 4.87 -18.53 25.95
C VAL A 209 4.53 -18.17 24.51
N ASP A 210 5.55 -17.92 23.70
CA ASP A 210 5.33 -17.62 22.29
C ASP A 210 5.73 -18.86 21.51
N VAL A 211 4.73 -19.50 20.93
CA VAL A 211 4.92 -20.72 20.17
C VAL A 211 5.81 -20.63 18.92
N ALA A 212 5.88 -19.44 18.32
CA ALA A 212 6.72 -19.17 17.14
C ALA A 212 7.01 -20.37 16.23
N GLY A 213 5.99 -20.84 15.51
CA GLY A 213 6.15 -21.99 14.65
C GLY A 213 6.57 -21.75 13.20
N ALA A 214 6.70 -22.87 12.50
CA ALA A 214 7.07 -22.89 11.09
C ALA A 214 5.83 -22.54 10.27
N GLY A 215 6.04 -21.91 9.12
CA GLY A 215 4.92 -21.54 8.27
C GLY A 215 5.05 -20.14 7.73
N GLY A 216 5.76 -19.28 8.45
CA GLY A 216 5.94 -17.92 7.99
C GLY A 216 7.41 -17.80 7.64
N THR A 217 8.14 -16.99 8.40
CA THR A 217 9.57 -16.84 8.17
C THR A 217 10.34 -17.46 9.33
N SER A 218 11.61 -17.79 9.08
CA SER A 218 12.50 -18.37 10.06
C SER A 218 13.67 -17.40 10.21
N TRP A 219 13.94 -16.95 11.43
CA TRP A 219 15.05 -16.03 11.67
C TRP A 219 16.31 -16.68 11.09
N ALA A 220 16.31 -18.02 11.08
CA ALA A 220 17.43 -18.81 10.56
C ALA A 220 17.59 -18.68 9.04
N ARG A 221 16.48 -18.74 8.31
CA ARG A 221 16.49 -18.62 6.84
C ARG A 221 16.93 -17.21 6.43
N VAL A 222 16.32 -16.21 7.06
CA VAL A 222 16.65 -14.81 6.80
C VAL A 222 18.14 -14.57 7.08
N GLU A 223 18.68 -15.29 8.06
CA GLU A 223 20.09 -15.16 8.42
C GLU A 223 21.00 -15.66 7.30
N GLU A 224 20.56 -16.71 6.60
CA GLU A 224 21.35 -17.28 5.51
C GLU A 224 21.24 -16.49 4.21
N TRP A 225 20.16 -15.73 4.05
CA TRP A 225 20.02 -14.93 2.84
C TRP A 225 20.92 -13.70 2.97
N VAL A 226 21.54 -13.58 4.14
CA VAL A 226 22.44 -12.47 4.46
C VAL A 226 23.85 -12.98 4.79
N GLU A 235 18.75 -26.50 3.23
CA GLU A 235 18.29 -27.88 3.07
C GLU A 235 17.62 -28.47 4.34
N LEU A 236 18.01 -27.96 5.51
CA LEU A 236 17.47 -28.43 6.80
C LEU A 236 16.24 -27.65 7.25
N CYS A 237 15.95 -26.53 6.58
CA CYS A 237 14.83 -25.70 6.96
C CYS A 237 13.46 -26.27 6.61
N GLU A 238 13.32 -27.58 6.75
CA GLU A 238 12.04 -28.23 6.53
C GLU A 238 11.68 -28.70 7.94
N ILE A 239 12.72 -28.78 8.78
CA ILE A 239 12.57 -29.20 10.17
C ILE A 239 11.88 -28.07 10.93
N GLY A 240 10.95 -28.43 11.80
CA GLY A 240 10.24 -27.40 12.56
C GLY A 240 8.82 -27.81 12.77
N ILE A 241 8.12 -27.07 13.62
CA ILE A 241 6.73 -27.41 13.91
C ILE A 241 5.76 -26.36 13.43
N PRO A 242 4.80 -26.78 12.58
CA PRO A 242 3.81 -25.84 12.06
C PRO A 242 3.11 -25.13 13.19
N THR A 243 3.00 -23.81 13.07
CA THR A 243 2.35 -22.98 14.05
C THR A 243 1.04 -23.57 14.56
N ALA A 244 0.16 -23.93 13.64
CA ALA A 244 -1.12 -24.51 14.03
C ALA A 244 -0.88 -25.70 14.95
N ARG A 245 0.07 -26.55 14.54
CA ARG A 245 0.47 -27.74 15.29
C ARG A 245 1.02 -27.34 16.67
N ALA A 246 1.96 -26.40 16.69
CA ALA A 246 2.55 -25.95 17.95
C ALA A 246 1.51 -25.42 18.92
N ILE A 247 0.57 -24.62 18.42
CA ILE A 247 -0.48 -24.06 19.28
C ILE A 247 -1.24 -25.19 19.96
N LEU A 248 -1.65 -26.17 19.17
CA LEU A 248 -2.40 -27.28 19.74
C LEU A 248 -1.58 -28.03 20.80
N GLU A 249 -0.37 -28.45 20.44
CA GLU A 249 0.50 -29.19 21.36
C GLU A 249 0.82 -28.47 22.67
N VAL A 250 1.21 -27.22 22.57
CA VAL A 250 1.56 -26.44 23.74
C VAL A 250 0.35 -26.16 24.63
N ARG A 251 -0.79 -25.84 24.03
CA ARG A 251 -1.99 -25.56 24.82
C ARG A 251 -2.36 -26.79 25.65
N GLU A 252 -2.26 -27.97 25.05
CA GLU A 252 -2.57 -29.22 25.73
C GLU A 252 -1.69 -29.39 26.96
N VAL A 253 -0.41 -29.06 26.86
CA VAL A 253 0.49 -29.19 28.00
C VAL A 253 0.41 -28.03 29.00
N LEU A 254 0.13 -26.83 28.50
CA LEU A 254 0.02 -25.65 29.35
C LEU A 254 -1.35 -25.00 29.14
N PRO A 255 -2.41 -25.61 29.68
CA PRO A 255 -3.77 -25.10 29.53
C PRO A 255 -4.06 -23.73 30.13
N HIS A 256 -3.45 -23.43 31.27
CA HIS A 256 -3.70 -22.16 31.97
C HIS A 256 -2.81 -20.97 31.54
N LEU A 257 -1.64 -21.24 30.96
CA LEU A 257 -0.70 -20.17 30.57
C LEU A 257 -1.06 -19.35 29.33
N PRO A 258 -0.90 -18.00 29.37
CA PRO A 258 -1.26 -17.26 28.15
C PRO A 258 -0.32 -17.58 26.99
N LEU A 259 -0.89 -17.92 25.84
CA LEU A 259 -0.11 -18.27 24.64
C LEU A 259 -0.14 -17.25 23.51
N VAL A 260 1.03 -17.07 22.89
CA VAL A 260 1.17 -16.16 21.78
C VAL A 260 1.40 -17.00 20.53
N ALA A 261 0.50 -16.86 19.55
CA ALA A 261 0.64 -17.57 18.29
C ALA A 261 1.38 -16.67 17.30
N SER A 262 2.49 -17.15 16.77
CA SER A 262 3.24 -16.37 15.81
C SER A 262 3.95 -17.33 14.86
N GLY A 263 4.33 -16.82 13.69
CA GLY A 263 4.99 -17.65 12.70
C GLY A 263 4.07 -17.73 11.50
N GLY A 264 4.05 -16.67 10.70
CA GLY A 264 3.20 -16.66 9.53
C GLY A 264 1.71 -16.56 9.83
N VAL A 265 1.37 -15.84 10.89
CA VAL A 265 -0.03 -15.62 11.27
C VAL A 265 -0.28 -14.21 10.75
N TYR A 266 -0.26 -14.10 9.42
CA TYR A 266 -0.36 -12.84 8.70
C TYR A 266 -1.68 -12.16 8.40
N THR A 267 -2.81 -12.80 8.65
CA THR A 267 -4.08 -12.14 8.40
C THR A 267 -4.97 -12.21 9.63
N GLY A 268 -5.97 -11.34 9.67
CA GLY A 268 -6.88 -11.32 10.79
C GLY A 268 -7.60 -12.65 10.87
N THR A 269 -7.85 -13.25 9.70
CA THR A 269 -8.52 -14.53 9.62
C THR A 269 -7.65 -15.62 10.23
N ASP A 270 -6.36 -15.60 9.90
CA ASP A 270 -5.43 -16.58 10.48
C ASP A 270 -5.32 -16.31 11.98
N GLY A 271 -5.46 -15.04 12.37
CA GLY A 271 -5.37 -14.70 13.77
C GLY A 271 -6.50 -15.36 14.52
N ALA A 272 -7.70 -15.26 13.97
CA ALA A 272 -8.88 -15.84 14.59
C ALA A 272 -8.74 -17.35 14.69
N LYS A 273 -8.22 -17.99 13.64
CA LYS A 273 -8.02 -19.43 13.67
C LYS A 273 -7.08 -19.77 14.83
N ALA A 274 -5.95 -19.08 14.90
CA ALA A 274 -4.97 -19.31 15.95
C ALA A 274 -5.62 -19.21 17.35
N LEU A 275 -6.50 -18.22 17.53
CA LEU A 275 -7.20 -18.03 18.79
C LEU A 275 -8.16 -19.20 19.03
N ALA A 276 -8.85 -19.63 17.99
CA ALA A 276 -9.80 -20.73 18.11
C ALA A 276 -9.06 -22.04 18.42
N LEU A 277 -7.81 -22.16 17.98
CA LEU A 277 -7.06 -23.37 18.27
C LEU A 277 -6.50 -23.32 19.68
N GLY A 278 -6.53 -22.15 20.30
CA GLY A 278 -6.05 -22.07 21.66
C GLY A 278 -5.16 -20.91 22.07
N ALA A 279 -4.75 -20.07 21.13
CA ALA A 279 -3.88 -18.94 21.48
C ALA A 279 -4.68 -17.85 22.21
N ASP A 280 -3.97 -16.87 22.76
CA ASP A 280 -4.60 -15.77 23.48
C ASP A 280 -4.15 -14.46 22.83
N LEU A 281 -2.95 -14.48 22.27
CA LEU A 281 -2.37 -13.31 21.62
C LEU A 281 -1.82 -13.72 20.27
N LEU A 282 -1.66 -12.75 19.37
CA LEU A 282 -1.08 -13.00 18.06
C LEU A 282 0.15 -12.12 17.95
N ALA A 283 1.13 -12.56 17.18
CA ALA A 283 2.32 -11.74 17.00
C ALA A 283 2.70 -11.83 15.52
N VAL A 284 3.10 -10.69 14.95
CA VAL A 284 3.51 -10.61 13.55
C VAL A 284 4.83 -9.87 13.47
N ALA A 285 5.81 -10.46 12.80
CA ALA A 285 7.11 -9.80 12.68
C ALA A 285 7.42 -9.35 11.26
N ARG A 286 8.00 -10.25 10.49
CA ARG A 286 8.41 -9.99 9.12
C ARG A 286 7.55 -9.02 8.28
N PRO A 287 6.26 -9.33 8.07
CA PRO A 287 5.38 -8.46 7.27
C PRO A 287 5.37 -7.00 7.68
N LEU A 288 5.84 -6.73 8.89
CA LEU A 288 5.87 -5.38 9.43
C LEU A 288 7.11 -4.58 9.04
N LEU A 289 8.09 -5.25 8.43
CA LEU A 289 9.32 -4.60 8.00
C LEU A 289 9.06 -3.52 6.95
N ARG A 290 8.37 -3.91 5.89
CA ARG A 290 8.05 -2.99 4.82
C ARG A 290 7.45 -1.70 5.37
N PRO A 291 6.28 -1.79 6.04
CA PRO A 291 5.69 -0.55 6.56
C PRO A 291 6.56 0.19 7.57
N ALA A 292 7.40 -0.53 8.30
CA ALA A 292 8.26 0.11 9.30
C ALA A 292 9.28 1.05 8.66
N LEU A 293 9.62 0.77 7.41
CA LEU A 293 10.58 1.60 6.68
C LEU A 293 9.91 2.79 6.01
N GLU A 294 8.58 2.83 6.07
CA GLU A 294 7.84 3.94 5.49
C GLU A 294 7.14 4.76 6.54
N GLY A 295 7.58 4.62 7.79
CA GLY A 295 7.00 5.38 8.88
C GLY A 295 5.89 4.70 9.66
N ALA A 296 5.66 5.21 10.87
CA ALA A 296 4.63 4.68 11.76
C ALA A 296 3.26 4.61 11.10
N GLU A 297 2.91 5.67 10.35
CA GLU A 297 1.61 5.74 9.67
C GLU A 297 1.33 4.47 8.88
N ARG A 298 2.36 3.91 8.24
CA ARG A 298 2.16 2.71 7.44
C ARG A 298 2.08 1.44 8.28
N VAL A 299 2.87 1.40 9.35
CA VAL A 299 2.86 0.26 10.26
C VAL A 299 1.48 0.22 10.89
N ALA A 300 1.09 1.35 11.47
CA ALA A 300 -0.20 1.49 12.12
C ALA A 300 -1.35 1.09 11.19
N ALA A 301 -1.23 1.40 9.91
CA ALA A 301 -2.28 1.05 8.96
C ALA A 301 -2.32 -0.45 8.76
N TRP A 302 -1.15 -1.09 8.67
CA TRP A 302 -1.07 -2.52 8.48
C TRP A 302 -1.76 -3.22 9.64
N ILE A 303 -1.31 -2.92 10.87
CA ILE A 303 -1.89 -3.52 12.07
C ILE A 303 -3.38 -3.22 12.08
N GLY A 304 -3.75 -2.00 11.69
CA GLY A 304 -5.14 -1.63 11.64
C GLY A 304 -5.97 -2.52 10.73
N ASP A 305 -5.45 -2.89 9.57
CA ASP A 305 -6.20 -3.76 8.65
C ASP A 305 -6.35 -5.13 9.30
N TYR A 306 -5.25 -5.61 9.87
CA TYR A 306 -5.18 -6.91 10.53
C TYR A 306 -6.20 -7.04 11.66
N LEU A 307 -6.30 -6.02 12.50
CA LEU A 307 -7.21 -6.06 13.63
C LEU A 307 -8.67 -5.93 13.19
N GLU A 308 -8.93 -5.01 12.28
CA GLU A 308 -10.30 -4.82 11.83
C GLU A 308 -10.73 -6.11 11.14
N GLU A 309 -9.77 -6.77 10.49
CA GLU A 309 -10.05 -8.01 9.80
C GLU A 309 -10.27 -9.09 10.87
N LEU A 310 -9.55 -9.00 11.99
CA LEU A 310 -9.70 -9.95 13.09
C LEU A 310 -11.08 -9.78 13.75
N ARG A 311 -11.48 -8.52 13.87
CA ARG A 311 -12.76 -8.16 14.47
C ARG A 311 -13.92 -8.73 13.64
N THR A 312 -13.85 -8.61 12.33
CA THR A 312 -14.92 -9.16 11.48
C THR A 312 -15.03 -10.67 11.69
N ALA A 313 -13.89 -11.36 11.66
CA ALA A 313 -13.84 -12.81 11.83
C ALA A 313 -14.46 -13.26 13.15
N LEU A 314 -14.10 -12.60 14.26
CA LEU A 314 -14.69 -12.98 15.55
C LEU A 314 -16.20 -12.79 15.49
N PHE A 315 -16.61 -11.67 14.91
CA PHE A 315 -18.03 -11.34 14.74
C PHE A 315 -18.70 -12.45 13.91
N ALA A 316 -18.12 -12.75 12.75
CA ALA A 316 -18.64 -13.76 11.85
C ALA A 316 -18.73 -15.13 12.51
N ILE A 317 -17.85 -15.34 13.49
CA ILE A 317 -17.74 -16.61 14.24
C ILE A 317 -18.70 -16.73 15.44
N GLY A 318 -19.28 -15.61 15.86
CA GLY A 318 -20.20 -15.60 16.99
C GLY A 318 -19.47 -15.32 18.30
N ALA A 319 -18.20 -14.94 18.20
CA ALA A 319 -17.39 -14.64 19.40
C ALA A 319 -17.43 -13.16 19.69
N ARG A 320 -17.63 -12.81 20.96
CA ARG A 320 -17.69 -11.41 21.33
C ARG A 320 -16.33 -10.86 21.78
N ASN A 321 -15.32 -11.73 21.86
CA ASN A 321 -13.98 -11.33 22.24
C ASN A 321 -13.01 -12.47 21.90
N PRO A 322 -11.69 -12.21 21.97
CA PRO A 322 -10.71 -13.24 21.66
C PRO A 322 -10.90 -14.55 22.40
N LYS A 323 -11.16 -14.47 23.70
CA LYS A 323 -11.35 -15.68 24.49
C LYS A 323 -12.47 -16.58 23.97
N GLU A 324 -13.55 -15.96 23.50
CA GLU A 324 -14.70 -16.69 22.98
C GLU A 324 -14.47 -17.35 21.63
N ALA A 325 -13.32 -17.09 20.99
CA ALA A 325 -13.05 -17.68 19.70
C ALA A 325 -12.65 -19.15 19.86
N ARG A 326 -12.27 -19.50 21.07
CA ARG A 326 -11.84 -20.85 21.37
C ARG A 326 -12.82 -21.91 20.88
N GLY A 327 -12.31 -22.88 20.11
CA GLY A 327 -13.13 -23.97 19.61
C GLY A 327 -14.00 -23.74 18.39
N ARG A 328 -14.30 -22.49 18.06
CA ARG A 328 -15.13 -22.17 16.92
C ARG A 328 -14.41 -22.36 15.58
N VAL A 329 -13.73 -23.49 15.43
CA VAL A 329 -13.02 -23.80 14.21
C VAL A 329 -13.08 -25.32 14.03
N GLU A 330 -13.07 -25.78 12.78
CA GLU A 330 -13.12 -27.23 12.50
C GLU A 330 -12.07 -27.60 11.44
N ARG A 331 -11.78 -28.89 11.38
CA ARG A 331 -10.79 -29.42 10.44
C ARG A 331 -11.30 -29.48 8.99
N VAL A 332 -10.41 -29.82 8.08
CA VAL A 332 -10.71 -29.89 6.65
C VAL A 332 -11.07 -28.49 6.16
N LYS B 23 -4.62 -8.07 -23.71
CA LYS B 23 -3.84 -8.74 -24.79
C LYS B 23 -3.08 -7.72 -25.63
N THR B 24 -3.53 -6.47 -25.59
CA THR B 24 -2.88 -5.38 -26.33
C THR B 24 -2.17 -4.46 -25.33
N THR B 25 -0.89 -4.21 -25.55
CA THR B 25 -0.11 -3.35 -24.66
C THR B 25 0.05 -1.94 -25.19
N THR B 26 0.58 -1.06 -24.35
CA THR B 26 0.80 0.32 -24.74
C THR B 26 1.87 0.41 -25.84
N GLY B 27 2.82 -0.53 -25.81
CA GLY B 27 3.90 -0.55 -26.78
C GLY B 27 5.15 0.01 -26.16
N LEU B 28 5.01 0.67 -25.01
CA LEU B 28 6.15 1.26 -24.32
C LEU B 28 7.18 0.23 -23.84
N GLU B 29 6.80 -1.04 -23.84
CA GLU B 29 7.75 -2.07 -23.40
C GLU B 29 8.72 -2.36 -24.55
N GLY B 30 8.40 -1.85 -25.74
CA GLY B 30 9.25 -2.05 -26.89
C GLY B 30 10.27 -0.93 -27.01
N PHE B 31 10.43 -0.17 -25.94
CA PHE B 31 11.35 0.95 -25.92
C PHE B 31 12.26 0.92 -24.72
N ARG B 32 13.47 1.45 -24.88
CA ARG B 32 14.43 1.45 -23.79
C ARG B 32 14.90 2.87 -23.49
N LEU B 33 14.79 3.27 -22.22
CA LEU B 33 15.27 4.58 -21.83
C LEU B 33 16.79 4.50 -21.96
N ARG B 34 17.41 5.56 -22.50
CA ARG B 34 18.85 5.58 -22.68
C ARG B 34 19.60 6.01 -21.42
N TYR B 35 19.91 5.08 -20.53
CA TYR B 35 20.62 5.41 -19.29
C TYR B 35 21.96 6.10 -19.53
N GLN B 36 22.18 7.21 -18.82
CA GLN B 36 23.41 7.99 -18.95
C GLN B 36 24.25 8.11 -17.68
N ALA B 37 25.04 7.09 -17.39
CA ALA B 37 25.88 7.13 -16.19
C ALA B 37 26.71 8.42 -16.01
N LEU B 38 27.31 8.91 -17.09
CA LEU B 38 28.13 10.13 -17.00
C LEU B 38 27.47 11.43 -17.44
N ALA B 39 26.14 11.50 -17.39
CA ALA B 39 25.43 12.70 -17.81
C ALA B 39 25.82 13.95 -17.00
N GLY B 40 26.39 13.75 -15.81
CA GLY B 40 26.81 14.89 -15.00
C GLY B 40 25.73 15.78 -14.43
N LEU B 41 24.61 15.21 -14.00
CA LEU B 41 23.54 15.99 -13.41
C LEU B 41 23.49 15.73 -11.91
N ALA B 42 22.71 16.55 -11.21
CA ALA B 42 22.49 16.37 -9.78
C ALA B 42 20.98 16.13 -9.76
N LEU B 43 20.55 15.07 -9.09
CA LEU B 43 19.13 14.76 -9.02
C LEU B 43 18.31 16.00 -8.72
N SER B 44 18.82 16.88 -7.85
CA SER B 44 18.12 18.11 -7.47
C SER B 44 17.98 19.13 -8.60
N GLU B 45 18.70 18.91 -9.68
CA GLU B 45 18.68 19.80 -10.83
C GLU B 45 17.42 19.60 -11.72
N VAL B 46 16.82 18.41 -11.68
CA VAL B 46 15.65 18.13 -12.49
C VAL B 46 14.39 18.85 -12.01
N ASP B 47 13.85 19.69 -12.88
CA ASP B 47 12.67 20.50 -12.62
C ASP B 47 11.47 19.98 -13.38
N LEU B 48 10.41 19.59 -12.67
CA LEU B 48 9.21 19.07 -13.31
C LEU B 48 8.16 20.13 -13.62
N THR B 49 8.40 21.35 -13.15
CA THR B 49 7.48 22.44 -13.38
C THR B 49 7.12 22.51 -14.85
N THR B 50 5.83 22.53 -15.15
CA THR B 50 5.38 22.64 -16.53
C THR B 50 4.04 23.34 -16.65
N PRO B 51 4.04 24.54 -17.26
CA PRO B 51 2.78 25.27 -17.43
C PRO B 51 1.90 24.53 -18.42
N PHE B 52 0.59 24.53 -18.18
CA PHE B 52 -0.37 23.84 -19.02
C PHE B 52 -1.74 24.51 -18.90
N LEU B 53 -2.43 24.64 -20.03
CA LEU B 53 -3.75 25.24 -20.08
C LEU B 53 -3.95 26.49 -19.22
N GLY B 54 -2.96 27.38 -19.16
CA GLY B 54 -3.13 28.58 -18.38
C GLY B 54 -2.54 28.65 -16.99
N LYS B 55 -2.48 27.54 -16.27
CA LYS B 55 -1.93 27.56 -14.92
C LYS B 55 -0.59 26.84 -14.95
N THR B 56 0.24 27.02 -13.94
CA THR B 56 1.55 26.37 -13.88
C THR B 56 1.57 25.17 -12.93
N LEU B 57 1.79 23.98 -13.48
CA LEU B 57 1.82 22.75 -12.70
C LEU B 57 3.19 22.45 -12.11
N LYS B 58 3.21 21.75 -10.98
CA LYS B 58 4.46 21.39 -10.32
C LYS B 58 5.07 20.18 -10.99
N ALA B 59 4.26 19.47 -11.77
CA ALA B 59 4.67 18.28 -12.51
C ALA B 59 3.78 18.15 -13.75
N PRO B 60 4.26 17.44 -14.79
CA PRO B 60 3.50 17.26 -16.04
C PRO B 60 2.58 16.09 -15.87
N PHE B 61 1.67 16.21 -14.91
CA PHE B 61 0.78 15.13 -14.58
C PHE B 61 -0.66 15.60 -14.44
N LEU B 62 -1.60 14.77 -14.88
CA LEU B 62 -3.02 15.07 -14.79
C LEU B 62 -3.73 13.84 -14.26
N ILE B 63 -4.77 14.06 -13.46
CA ILE B 63 -5.55 12.96 -12.94
C ILE B 63 -6.59 12.74 -14.04
N GLY B 64 -6.59 11.54 -14.62
CA GLY B 64 -7.52 11.22 -15.69
C GLY B 64 -8.99 11.33 -15.34
N ALA B 65 -9.80 11.59 -16.35
CA ALA B 65 -11.25 11.72 -16.19
C ALA B 65 -11.91 10.42 -15.77
N MSE B 66 -12.77 10.48 -14.76
CA MSE B 66 -13.48 9.29 -14.31
C MSE B 66 -14.88 9.61 -13.79
O MSE B 66 -15.10 10.60 -13.08
CB MSE B 66 -12.68 8.55 -13.24
CG MSE B 66 -11.39 7.93 -13.77
SE MSE B 66 -10.60 6.83 -12.59
CE MSE B 66 -10.01 8.02 -11.37
N THR B 67 -15.84 8.77 -14.17
CA THR B 67 -17.21 8.93 -13.74
C THR B 67 -17.50 7.95 -12.59
N GLY B 68 -17.67 6.66 -12.92
CA GLY B 68 -17.93 5.66 -11.91
C GLY B 68 -19.38 5.56 -11.44
N GLY B 69 -19.57 5.67 -10.12
CA GLY B 69 -20.91 5.57 -9.55
C GLY B 69 -21.39 6.87 -8.91
N GLU B 70 -22.68 6.97 -8.65
CA GLU B 70 -23.26 8.15 -8.03
C GLU B 70 -23.15 8.05 -6.51
N GLU B 71 -22.83 6.85 -6.02
CA GLU B 71 -22.68 6.65 -4.58
C GLU B 71 -21.36 7.28 -4.15
N ASN B 72 -20.26 6.76 -4.70
CA ASN B 72 -18.93 7.24 -4.37
C ASN B 72 -18.53 8.48 -5.15
N GLY B 73 -19.29 8.79 -6.20
CA GLY B 73 -19.00 9.96 -7.01
C GLY B 73 -18.35 11.11 -6.27
N GLU B 74 -19.15 11.87 -5.52
CA GLU B 74 -18.62 13.02 -4.78
C GLU B 74 -17.42 12.66 -3.89
N ARG B 75 -17.48 11.49 -3.27
CA ARG B 75 -16.42 11.03 -2.39
C ARG B 75 -15.06 10.95 -3.09
N ILE B 76 -15.04 10.32 -4.26
CA ILE B 76 -13.84 10.14 -5.07
C ILE B 76 -13.28 11.45 -5.64
N ASN B 77 -14.13 12.28 -6.20
CA ASN B 77 -13.70 13.56 -6.76
C ASN B 77 -12.97 14.40 -5.74
N LEU B 78 -13.46 14.42 -4.51
CA LEU B 78 -12.83 15.23 -3.47
C LEU B 78 -11.48 14.69 -3.00
N ALA B 79 -11.27 13.38 -3.15
CA ALA B 79 -10.01 12.79 -2.74
C ALA B 79 -8.95 13.15 -3.78
N LEU B 80 -9.36 13.07 -5.05
CA LEU B 80 -8.50 13.41 -6.17
C LEU B 80 -8.17 14.91 -6.17
N ALA B 81 -9.21 15.72 -6.12
CA ALA B 81 -9.05 17.18 -6.13
C ALA B 81 -8.14 17.68 -5.03
N GLU B 82 -8.36 17.18 -3.82
CA GLU B 82 -7.56 17.58 -2.67
C GLU B 82 -6.09 17.22 -2.89
N ALA B 83 -5.86 16.01 -3.37
CA ALA B 83 -4.51 15.52 -3.65
C ALA B 83 -3.89 16.37 -4.74
N ALA B 84 -4.64 16.58 -5.82
CA ALA B 84 -4.20 17.40 -6.93
C ALA B 84 -3.70 18.73 -6.39
N GLU B 85 -4.50 19.36 -5.52
CA GLU B 85 -4.14 20.65 -4.92
C GLU B 85 -2.86 20.60 -4.13
N ALA B 86 -2.66 19.50 -3.39
CA ALA B 86 -1.46 19.35 -2.60
C ALA B 86 -0.22 19.13 -3.47
N LEU B 87 -0.36 18.29 -4.50
CA LEU B 87 0.76 17.98 -5.39
C LEU B 87 1.05 18.98 -6.52
N GLY B 88 0.17 19.96 -6.71
CA GLY B 88 0.38 20.93 -7.77
C GLY B 88 0.17 20.29 -9.13
N VAL B 89 -0.75 19.34 -9.19
CA VAL B 89 -1.05 18.63 -10.41
C VAL B 89 -2.44 18.95 -10.97
N GLY B 90 -2.66 18.66 -12.24
CA GLY B 90 -3.94 18.94 -12.84
C GLY B 90 -4.96 17.85 -12.63
N MSE B 91 -6.22 18.15 -12.88
CA MSE B 91 -7.26 17.15 -12.71
C MSE B 91 -8.40 17.26 -13.68
O MSE B 91 -9.03 18.31 -13.78
CB MSE B 91 -7.82 17.19 -11.30
CG MSE B 91 -8.47 15.88 -10.91
SE MSE B 91 -9.87 16.04 -9.61
CE MSE B 91 -11.31 15.30 -10.69
N MSE B 92 -8.69 16.17 -14.37
CA MSE B 92 -9.80 16.16 -15.33
C MSE B 92 -11.02 15.57 -14.67
O MSE B 92 -10.96 14.50 -14.06
CB MSE B 92 -9.43 15.33 -16.56
CG MSE B 92 -8.25 15.87 -17.32
SE MSE B 92 -8.07 15.14 -19.12
CE MSE B 92 -7.03 13.56 -18.74
N LEU B 93 -12.14 16.26 -14.80
CA LEU B 93 -13.38 15.79 -14.21
C LEU B 93 -14.08 14.84 -15.17
N GLY B 94 -14.99 14.04 -14.65
CA GLY B 94 -15.72 13.12 -15.50
C GLY B 94 -16.73 13.90 -16.30
N SER B 95 -17.40 13.23 -17.24
CA SER B 95 -18.39 13.88 -18.10
C SER B 95 -19.40 14.69 -17.30
N GLY B 96 -19.53 15.97 -17.64
CA GLY B 96 -20.48 16.83 -16.97
C GLY B 96 -21.82 16.71 -17.64
N ARG B 97 -21.94 15.73 -18.53
CA ARG B 97 -23.16 15.45 -19.27
C ARG B 97 -24.40 15.60 -18.40
N ILE B 98 -24.44 14.83 -17.31
CA ILE B 98 -25.57 14.86 -16.39
C ILE B 98 -25.79 16.24 -15.76
N LEU B 99 -24.73 17.01 -15.61
CA LEU B 99 -24.85 18.35 -15.03
C LEU B 99 -25.73 19.26 -15.85
N LEU B 100 -25.76 19.04 -17.16
CA LEU B 100 -26.58 19.85 -18.03
C LEU B 100 -28.05 19.55 -17.74
N GLU B 101 -28.40 18.27 -17.79
CA GLU B 101 -29.78 17.85 -17.56
C GLU B 101 -30.20 17.82 -16.07
N ARG B 102 -29.32 17.39 -15.19
CA ARG B 102 -29.62 17.33 -13.76
C ARG B 102 -28.78 18.31 -12.95
N PRO B 103 -29.17 19.60 -12.92
CA PRO B 103 -28.44 20.64 -12.18
C PRO B 103 -28.28 20.36 -10.67
N GLU B 104 -28.82 19.24 -10.20
CA GLU B 104 -28.73 18.87 -8.79
C GLU B 104 -27.49 18.04 -8.49
N ALA B 105 -26.96 17.39 -9.51
CA ALA B 105 -25.75 16.59 -9.36
C ALA B 105 -24.56 17.53 -9.42
N LEU B 106 -24.84 18.80 -9.14
CA LEU B 106 -23.84 19.87 -9.14
C LEU B 106 -22.84 19.68 -8.00
N ARG B 107 -23.34 19.33 -6.83
CA ARG B 107 -22.48 19.13 -5.69
C ARG B 107 -21.57 17.92 -5.85
N SER B 108 -22.00 16.95 -6.67
CA SER B 108 -21.20 15.76 -6.90
C SER B 108 -19.84 16.10 -7.54
N PHE B 109 -19.82 17.18 -8.31
CA PHE B 109 -18.59 17.61 -8.97
C PHE B 109 -17.94 18.82 -8.32
N ARG B 110 -18.75 19.73 -7.79
CA ARG B 110 -18.23 20.93 -7.13
C ARG B 110 -17.05 20.48 -6.27
N VAL B 111 -15.85 20.83 -6.70
CA VAL B 111 -14.64 20.40 -6.00
C VAL B 111 -13.72 21.53 -5.56
N ARG B 112 -13.98 22.74 -6.03
CA ARG B 112 -13.16 23.88 -5.66
C ARG B 112 -13.05 24.08 -4.16
N LYS B 113 -14.05 23.59 -3.44
CA LYS B 113 -14.09 23.70 -1.99
C LYS B 113 -12.79 23.17 -1.40
N VAL B 114 -12.32 22.05 -1.93
CA VAL B 114 -11.10 21.42 -1.45
C VAL B 114 -9.91 21.65 -2.39
N ALA B 115 -10.17 22.15 -3.60
CA ALA B 115 -9.13 22.42 -4.58
C ALA B 115 -9.32 23.79 -5.22
N PRO B 116 -9.09 24.85 -4.44
CA PRO B 116 -9.23 26.26 -4.86
C PRO B 116 -8.35 26.78 -6.00
N LYS B 117 -7.13 26.29 -6.10
CA LYS B 117 -6.23 26.79 -7.14
C LYS B 117 -5.79 25.79 -8.23
N ALA B 118 -6.09 24.52 -8.04
CA ALA B 118 -5.72 23.48 -9.00
C ALA B 118 -6.24 23.76 -10.39
N LEU B 119 -5.63 23.10 -11.38
CA LEU B 119 -6.04 23.24 -12.78
C LEU B 119 -7.11 22.16 -13.01
N LEU B 120 -8.36 22.59 -13.21
CA LEU B 120 -9.48 21.67 -13.43
C LEU B 120 -9.92 21.75 -14.87
N ILE B 121 -10.21 20.59 -15.44
CA ILE B 121 -10.59 20.49 -16.82
C ILE B 121 -11.95 19.83 -16.94
N ALA B 122 -12.94 20.58 -17.38
CA ALA B 122 -14.28 20.05 -17.54
C ALA B 122 -14.29 18.97 -18.63
N ASN B 123 -15.25 18.07 -18.57
CA ASN B 123 -15.32 17.00 -19.57
C ASN B 123 -16.69 16.87 -20.23
N LEU B 124 -16.69 16.44 -21.49
CA LEU B 124 -17.95 16.29 -22.21
C LEU B 124 -17.70 15.60 -23.53
N GLY B 125 -18.62 14.71 -23.91
CA GLY B 125 -18.48 13.98 -25.16
C GLY B 125 -18.63 14.92 -26.32
N LEU B 126 -17.78 14.77 -27.33
CA LEU B 126 -17.84 15.60 -28.52
C LEU B 126 -19.17 15.36 -29.22
N ALA B 127 -19.75 14.18 -29.01
CA ALA B 127 -21.01 13.86 -29.65
C ALA B 127 -22.15 14.72 -29.09
N GLN B 128 -21.90 15.43 -28.00
CA GLN B 128 -22.91 16.28 -27.40
C GLN B 128 -23.06 17.60 -28.14
N LEU B 129 -22.13 17.95 -29.01
CA LEU B 129 -22.21 19.21 -29.72
C LEU B 129 -23.45 19.35 -30.57
N ARG B 130 -24.12 18.24 -30.85
CA ARG B 130 -25.33 18.26 -31.65
C ARG B 130 -26.58 18.50 -30.80
N ARG B 131 -26.42 18.51 -29.48
CA ARG B 131 -27.54 18.73 -28.56
C ARG B 131 -27.23 19.87 -27.61
N TYR B 132 -26.06 20.46 -27.74
CA TYR B 132 -25.67 21.56 -26.86
C TYR B 132 -24.90 22.65 -27.58
N GLY B 133 -25.26 23.89 -27.28
CA GLY B 133 -24.59 25.00 -27.92
C GLY B 133 -23.61 25.74 -27.04
N ARG B 134 -23.09 26.84 -27.58
CA ARG B 134 -22.13 27.65 -26.88
C ARG B 134 -22.52 27.97 -25.43
N ASP B 135 -23.68 28.56 -25.21
CA ASP B 135 -24.10 28.93 -23.87
C ASP B 135 -24.10 27.75 -22.90
N ASP B 136 -24.41 26.57 -23.39
CA ASP B 136 -24.42 25.39 -22.54
C ASP B 136 -23.00 25.02 -22.13
N LEU B 137 -22.06 25.17 -23.05
CA LEU B 137 -20.66 24.88 -22.79
C LEU B 137 -20.11 25.86 -21.75
N LEU B 138 -20.44 27.13 -21.92
CA LEU B 138 -19.97 28.14 -20.99
C LEU B 138 -20.54 27.90 -19.59
N ARG B 139 -21.81 27.53 -19.53
CA ARG B 139 -22.49 27.28 -18.27
C ARG B 139 -21.84 26.10 -17.57
N LEU B 140 -21.52 25.04 -18.32
CA LEU B 140 -20.90 23.86 -17.73
C LEU B 140 -19.57 24.16 -17.06
N VAL B 141 -18.65 24.80 -17.76
CA VAL B 141 -17.37 25.08 -17.13
C VAL B 141 -17.49 26.13 -16.03
N GLU B 142 -18.48 27.01 -16.16
CA GLU B 142 -18.68 28.03 -15.14
C GLU B 142 -19.26 27.44 -13.87
N MSE B 143 -20.18 26.50 -14.01
CA MSE B 143 -20.79 25.84 -12.87
C MSE B 143 -19.69 25.10 -12.11
O MSE B 143 -19.64 25.15 -10.89
CB MSE B 143 -21.84 24.82 -13.30
CG MSE B 143 -23.13 25.37 -13.86
SE MSE B 143 -24.33 24.01 -14.08
CE MSE B 143 -23.98 23.49 -15.77
N LEU B 144 -18.85 24.39 -12.85
CA LEU B 144 -17.75 23.60 -12.28
C LEU B 144 -16.57 24.45 -11.86
N GLU B 145 -16.57 25.71 -12.26
CA GLU B 145 -15.47 26.61 -11.95
C GLU B 145 -14.22 26.00 -12.54
N ALA B 146 -14.36 25.42 -13.74
CA ALA B 146 -13.24 24.78 -14.44
C ALA B 146 -12.37 25.81 -15.17
N ASP B 147 -11.17 25.39 -15.55
CA ASP B 147 -10.23 26.25 -16.25
C ASP B 147 -10.15 25.93 -17.74
N ALA B 148 -10.73 24.81 -18.15
CA ALA B 148 -10.71 24.38 -19.54
C ALA B 148 -11.77 23.31 -19.77
N LEU B 149 -11.98 22.93 -21.02
CA LEU B 149 -12.99 21.93 -21.37
C LEU B 149 -12.37 20.89 -22.30
N ALA B 150 -12.54 19.62 -21.97
CA ALA B 150 -12.01 18.55 -22.80
C ALA B 150 -13.16 17.76 -23.37
N PHE B 151 -13.16 17.57 -24.69
CA PHE B 151 -14.19 16.81 -25.38
C PHE B 151 -13.64 15.43 -25.70
N HIS B 152 -14.34 14.39 -25.28
CA HIS B 152 -13.86 13.05 -25.59
C HIS B 152 -14.65 12.50 -26.75
N VAL B 153 -13.96 11.81 -27.65
CA VAL B 153 -14.60 11.24 -28.82
C VAL B 153 -14.31 9.74 -28.77
N ASN B 154 -15.37 8.93 -28.78
CA ASN B 154 -15.23 7.48 -28.65
C ASN B 154 -16.18 6.66 -29.54
N PRO B 155 -16.13 6.87 -30.85
CA PRO B 155 -17.04 6.08 -31.67
C PRO B 155 -17.06 4.58 -31.31
N LEU B 156 -15.90 3.95 -31.16
CA LEU B 156 -15.88 2.53 -30.84
C LEU B 156 -16.69 2.17 -29.61
N GLN B 157 -16.40 2.84 -28.50
CA GLN B 157 -17.11 2.57 -27.26
C GLN B 157 -18.62 2.71 -27.42
N GLU B 158 -19.08 3.85 -27.94
CA GLU B 158 -20.52 4.05 -28.10
C GLU B 158 -21.09 3.06 -29.11
N ALA B 159 -20.27 2.64 -30.08
CA ALA B 159 -20.73 1.70 -31.10
C ALA B 159 -20.95 0.32 -30.49
N VAL B 160 -19.98 -0.15 -29.71
CA VAL B 160 -20.09 -1.45 -29.07
C VAL B 160 -21.25 -1.45 -28.06
N GLN B 161 -21.49 -0.31 -27.41
CA GLN B 161 -22.55 -0.17 -26.42
C GLN B 161 -23.89 0.22 -27.06
N ARG B 162 -23.97 0.07 -28.38
CA ARG B 162 -25.19 0.41 -29.11
C ARG B 162 -25.78 1.74 -28.65
N GLY B 163 -24.92 2.63 -28.15
CA GLY B 163 -25.38 3.91 -27.69
C GLY B 163 -25.57 4.87 -28.86
N ASP B 164 -25.08 6.10 -28.72
CA ASP B 164 -25.20 7.07 -29.80
C ASP B 164 -23.99 6.96 -30.72
N THR B 165 -24.23 6.40 -31.90
CA THR B 165 -23.19 6.14 -32.87
C THR B 165 -23.09 7.12 -34.05
N ASP B 166 -23.81 8.23 -34.02
CA ASP B 166 -23.73 9.17 -35.12
C ASP B 166 -22.66 10.19 -34.79
N PHE B 167 -21.52 10.08 -35.48
CA PHE B 167 -20.38 10.97 -35.27
C PHE B 167 -20.12 11.88 -36.46
N ARG B 168 -21.15 12.20 -37.22
CA ARG B 168 -20.97 13.06 -38.39
C ARG B 168 -20.96 14.54 -38.05
N GLY B 169 -20.07 15.27 -38.73
CA GLY B 169 -19.97 16.70 -38.56
C GLY B 169 -19.55 17.21 -37.20
N LEU B 170 -19.10 16.33 -36.30
CA LEU B 170 -18.72 16.81 -34.99
C LEU B 170 -17.50 17.72 -35.05
N VAL B 171 -16.50 17.35 -35.83
CA VAL B 171 -15.30 18.18 -35.94
C VAL B 171 -15.63 19.56 -36.53
N GLU B 172 -16.48 19.57 -37.55
CA GLU B 172 -16.88 20.83 -38.20
C GLU B 172 -17.71 21.67 -37.24
N ARG B 173 -18.47 20.98 -36.39
CA ARG B 173 -19.32 21.62 -35.40
C ARG B 173 -18.47 22.28 -34.31
N LEU B 174 -17.36 21.63 -33.95
CA LEU B 174 -16.45 22.16 -32.95
C LEU B 174 -15.66 23.33 -33.56
N ALA B 175 -15.29 23.19 -34.83
CA ALA B 175 -14.54 24.21 -35.53
C ALA B 175 -15.32 25.52 -35.52
N GLU B 176 -16.63 25.43 -35.74
CA GLU B 176 -17.48 26.62 -35.75
C GLU B 176 -17.39 27.31 -34.40
N LEU B 177 -17.57 26.53 -33.34
CA LEU B 177 -17.55 27.03 -31.98
C LEU B 177 -16.17 27.40 -31.43
N LEU B 178 -15.23 26.48 -31.61
CA LEU B 178 -13.88 26.58 -31.07
C LEU B 178 -13.36 27.86 -30.45
N PRO B 179 -13.32 28.97 -31.19
CA PRO B 179 -12.79 30.10 -30.39
C PRO B 179 -13.73 30.31 -29.18
N LEU B 180 -13.35 29.74 -28.04
CA LEU B 180 -14.14 29.83 -26.80
C LEU B 180 -13.38 30.64 -25.75
N PRO B 181 -14.09 31.08 -24.70
CA PRO B 181 -13.48 31.88 -23.64
C PRO B 181 -12.44 31.16 -22.79
N PHE B 182 -12.23 29.87 -23.02
CA PHE B 182 -11.27 29.10 -22.25
C PHE B 182 -10.61 28.06 -23.14
N PRO B 183 -9.44 27.53 -22.72
CA PRO B 183 -8.73 26.52 -23.52
C PRO B 183 -9.56 25.25 -23.67
N VAL B 184 -9.51 24.68 -24.88
CA VAL B 184 -10.25 23.48 -25.19
C VAL B 184 -9.33 22.39 -25.74
N MSE B 185 -9.62 21.14 -25.39
CA MSE B 185 -8.82 20.02 -25.86
C MSE B 185 -9.71 18.84 -26.27
O MSE B 185 -10.92 18.85 -26.04
CB MSE B 185 -7.83 19.60 -24.78
CG MSE B 185 -8.46 19.10 -23.51
SE MSE B 185 -7.14 18.46 -22.20
CE MSE B 185 -6.62 16.81 -23.10
N VAL B 186 -9.10 17.85 -26.92
CA VAL B 186 -9.81 16.65 -27.36
C VAL B 186 -9.06 15.40 -26.90
N LYS B 187 -9.82 14.35 -26.63
CA LYS B 187 -9.23 13.09 -26.17
C LYS B 187 -10.07 11.87 -26.55
N GLU B 188 -9.42 10.70 -26.56
CA GLU B 188 -10.10 9.45 -26.82
C GLU B 188 -10.39 8.90 -25.40
N VAL B 189 -10.65 7.61 -25.25
CA VAL B 189 -10.95 7.09 -23.92
C VAL B 189 -10.29 5.74 -23.65
N GLY B 190 -9.18 5.48 -24.31
CA GLY B 190 -8.49 4.21 -24.10
C GLY B 190 -8.35 3.40 -25.37
N HIS B 191 -8.80 3.95 -26.49
CA HIS B 191 -8.69 3.25 -27.77
C HIS B 191 -7.78 4.00 -28.75
N GLY B 192 -7.31 5.16 -28.30
CA GLY B 192 -6.37 5.97 -29.06
C GLY B 192 -6.77 6.81 -30.27
N LEU B 193 -5.95 7.82 -30.53
CA LEU B 193 -6.14 8.71 -31.67
C LEU B 193 -5.05 8.36 -32.68
N SER B 194 -5.43 8.16 -33.94
CA SER B 194 -4.50 7.82 -35.01
C SER B 194 -3.95 9.09 -35.64
N ARG B 195 -3.05 8.92 -36.61
CA ARG B 195 -2.48 10.07 -37.28
C ARG B 195 -3.53 10.74 -38.14
N GLU B 196 -4.38 9.98 -38.82
CA GLU B 196 -5.39 10.64 -39.61
C GLU B 196 -6.40 11.31 -38.69
N ALA B 197 -6.43 10.91 -37.42
CA ALA B 197 -7.32 11.53 -36.47
C ALA B 197 -6.75 12.91 -36.17
N ALA B 198 -5.43 12.95 -35.96
CA ALA B 198 -4.75 14.21 -35.69
C ALA B 198 -4.91 15.14 -36.88
N LEU B 199 -4.96 14.57 -38.07
CA LEU B 199 -5.15 15.33 -39.29
C LEU B 199 -6.48 16.07 -39.23
N ALA B 200 -7.52 15.37 -38.80
CA ALA B 200 -8.85 15.95 -38.70
C ALA B 200 -8.92 17.08 -37.67
N LEU B 201 -7.93 17.14 -36.78
CA LEU B 201 -7.89 18.17 -35.76
C LEU B 201 -6.90 19.27 -36.10
N ARG B 202 -6.07 19.02 -37.10
CA ARG B 202 -5.03 19.94 -37.54
C ARG B 202 -5.34 21.44 -37.63
N ASP B 203 -6.47 21.83 -38.20
CA ASP B 203 -6.76 23.26 -38.31
C ASP B 203 -7.52 23.91 -37.17
N LEU B 204 -7.97 23.10 -36.20
CA LEU B 204 -8.70 23.62 -35.05
C LEU B 204 -7.77 24.30 -34.05
N PRO B 205 -8.21 25.42 -33.48
CA PRO B 205 -7.37 26.10 -32.50
C PRO B 205 -7.49 25.45 -31.13
N LEU B 206 -7.04 24.20 -31.02
CA LEU B 206 -7.10 23.48 -29.75
C LEU B 206 -5.96 23.89 -28.83
N ALA B 207 -6.12 23.67 -27.53
CA ALA B 207 -5.09 24.03 -26.58
C ALA B 207 -4.20 22.83 -26.28
N ALA B 208 -4.74 21.63 -26.52
CA ALA B 208 -3.99 20.41 -26.25
C ALA B 208 -4.76 19.19 -26.72
N VAL B 209 -4.07 18.05 -26.78
CA VAL B 209 -4.69 16.79 -27.19
C VAL B 209 -4.28 15.63 -26.28
N ASP B 210 -5.24 14.80 -25.90
CA ASP B 210 -4.95 13.65 -25.06
C ASP B 210 -5.10 12.44 -25.98
N VAL B 211 -3.97 11.81 -26.24
CA VAL B 211 -3.93 10.67 -27.13
C VAL B 211 -4.74 9.44 -26.65
N ALA B 212 -4.88 9.27 -25.32
CA ALA B 212 -5.62 8.17 -24.68
C ALA B 212 -5.65 6.85 -25.47
N GLY B 213 -4.52 6.17 -25.54
CA GLY B 213 -4.45 4.95 -26.30
C GLY B 213 -4.75 3.64 -25.58
N ALA B 214 -4.66 2.56 -26.36
CA ALA B 214 -4.89 1.21 -25.90
C ALA B 214 -3.65 0.75 -25.15
N GLY B 215 -3.84 -0.13 -24.17
CA GLY B 215 -2.73 -0.63 -23.41
C GLY B 215 -3.02 -0.65 -21.93
N GLY B 216 -3.86 0.26 -21.47
CA GLY B 216 -4.23 0.29 -20.07
C GLY B 216 -5.67 -0.18 -19.99
N THR B 217 -6.56 0.71 -19.59
CA THR B 217 -7.98 0.35 -19.52
C THR B 217 -8.76 1.11 -20.59
N SER B 218 -9.92 0.57 -20.93
CA SER B 218 -10.81 1.16 -21.92
C SER B 218 -12.12 1.48 -21.20
N TRP B 219 -12.56 2.73 -21.28
CA TRP B 219 -13.80 3.13 -20.63
C TRP B 219 -14.91 2.19 -21.16
N ALA B 220 -14.71 1.69 -22.38
CA ALA B 220 -15.67 0.78 -23.01
C ALA B 220 -15.70 -0.59 -22.32
N ARG B 221 -14.53 -1.15 -22.02
CA ARG B 221 -14.44 -2.45 -21.35
C ARG B 221 -15.05 -2.36 -19.95
N VAL B 222 -14.69 -1.32 -19.22
CA VAL B 222 -15.20 -1.09 -17.88
C VAL B 222 -16.71 -0.88 -17.90
N GLU B 235 -15.15 -8.94 -27.51
CA GLU B 235 -14.48 -9.52 -28.66
C GLU B 235 -13.86 -8.47 -29.60
N LEU B 236 -14.44 -7.26 -29.63
CA LEU B 236 -13.96 -6.15 -30.47
C LEU B 236 -12.91 -5.29 -29.80
N CYS B 237 -12.72 -5.47 -28.49
CA CYS B 237 -11.76 -4.66 -27.74
C CYS B 237 -10.29 -5.02 -28.00
N GLU B 238 -9.97 -5.34 -29.25
CA GLU B 238 -8.60 -5.60 -29.64
C GLU B 238 -8.31 -4.42 -30.57
N ILE B 239 -9.39 -3.81 -31.08
CA ILE B 239 -9.32 -2.65 -31.96
C ILE B 239 -8.86 -1.45 -31.15
N GLY B 240 -7.99 -0.63 -31.73
CA GLY B 240 -7.53 0.53 -31.00
C GLY B 240 -6.07 0.78 -31.29
N ILE B 241 -5.54 1.91 -30.84
CA ILE B 241 -4.16 2.22 -31.09
C ILE B 241 -3.30 2.30 -29.85
N PRO B 242 -2.25 1.47 -29.81
CA PRO B 242 -1.37 1.47 -28.64
C PRO B 242 -0.88 2.88 -28.33
N THR B 243 -0.93 3.25 -27.04
CA THR B 243 -0.51 4.56 -26.59
C THR B 243 0.82 4.99 -27.21
N ALA B 244 1.83 4.14 -27.12
CA ALA B 244 3.15 4.45 -27.66
C ALA B 244 3.01 4.84 -29.13
N ARG B 245 2.24 4.04 -29.86
CA ARG B 245 1.96 4.26 -31.28
C ARG B 245 1.21 5.59 -31.48
N ALA B 246 0.17 5.81 -30.70
CA ALA B 246 -0.60 7.04 -30.83
C ALA B 246 0.27 8.27 -30.60
N ILE B 247 1.10 8.25 -29.55
CA ILE B 247 1.97 9.38 -29.25
C ILE B 247 2.87 9.70 -30.44
N LEU B 248 3.42 8.67 -31.06
CA LEU B 248 4.28 8.90 -32.20
C LEU B 248 3.49 9.47 -33.36
N GLU B 249 2.37 8.85 -33.70
CA GLU B 249 1.57 9.33 -34.83
C GLU B 249 1.07 10.76 -34.69
N VAL B 250 0.50 11.05 -33.54
CA VAL B 250 -0.05 12.37 -33.29
C VAL B 250 1.00 13.46 -33.22
N ARG B 251 2.17 13.15 -32.66
CA ARG B 251 3.24 14.15 -32.56
C ARG B 251 3.70 14.51 -33.95
N GLU B 252 3.79 13.52 -34.84
CA GLU B 252 4.21 13.75 -36.20
C GLU B 252 3.26 14.73 -36.92
N VAL B 253 1.96 14.61 -36.69
CA VAL B 253 1.00 15.48 -37.32
C VAL B 253 0.84 16.84 -36.63
N LEU B 254 0.95 16.85 -35.30
CA LEU B 254 0.82 18.07 -34.52
C LEU B 254 2.08 18.27 -33.70
N PRO B 255 3.17 18.66 -34.36
CA PRO B 255 4.46 18.88 -33.71
C PRO B 255 4.53 19.96 -32.62
N HIS B 256 3.80 21.04 -32.83
CA HIS B 256 3.82 22.17 -31.90
C HIS B 256 2.78 22.08 -30.75
N LEU B 257 1.69 21.31 -30.91
CA LEU B 257 0.64 21.23 -29.87
C LEU B 257 0.99 20.45 -28.60
N PRO B 258 0.60 20.92 -27.39
CA PRO B 258 0.98 20.12 -26.22
C PRO B 258 0.19 18.80 -26.14
N LEU B 259 0.91 17.69 -25.97
CA LEU B 259 0.30 16.36 -25.91
C LEU B 259 0.27 15.67 -24.56
N VAL B 260 -0.85 15.02 -24.29
CA VAL B 260 -1.03 14.30 -23.06
C VAL B 260 -1.01 12.82 -23.37
N ALA B 261 -0.06 12.09 -22.78
CA ALA B 261 0.03 10.65 -22.99
C ALA B 261 -0.75 9.94 -21.87
N SER B 262 -1.73 9.15 -22.24
CA SER B 262 -2.50 8.44 -21.23
C SER B 262 -2.98 7.13 -21.83
N GLY B 263 -3.26 6.15 -20.97
CA GLY B 263 -3.70 4.85 -21.43
C GLY B 263 -2.70 3.81 -20.98
N GLY B 264 -2.76 3.43 -19.72
CA GLY B 264 -1.82 2.45 -19.22
C GLY B 264 -0.42 2.99 -19.05
N VAL B 265 -0.29 4.27 -18.78
CA VAL B 265 1.03 4.89 -18.56
C VAL B 265 1.10 4.94 -17.04
N TYR B 266 1.20 3.76 -16.45
CA TYR B 266 1.17 3.60 -15.00
C TYR B 266 2.40 3.77 -14.12
N THR B 267 3.59 3.88 -14.68
CA THR B 267 4.77 4.05 -13.84
C THR B 267 5.53 5.29 -14.27
N GLY B 268 6.39 5.80 -13.38
CA GLY B 268 7.19 6.96 -13.72
C GLY B 268 8.10 6.68 -14.89
N THR B 269 8.54 5.42 -14.97
CA THR B 269 9.40 4.96 -16.05
C THR B 269 8.65 5.05 -17.38
N ASP B 270 7.41 4.55 -17.40
CA ASP B 270 6.57 4.60 -18.58
C ASP B 270 6.28 6.06 -18.92
N GLY B 271 6.18 6.90 -17.88
CA GLY B 271 5.92 8.31 -18.10
C GLY B 271 7.07 8.91 -18.88
N ALA B 272 8.29 8.62 -18.42
CA ALA B 272 9.48 9.13 -19.08
C ALA B 272 9.55 8.65 -20.54
N LYS B 273 9.24 7.38 -20.77
CA LYS B 273 9.25 6.85 -22.12
C LYS B 273 8.27 7.66 -22.98
N ALA B 274 7.06 7.86 -22.47
CA ALA B 274 6.03 8.62 -23.19
C ALA B 274 6.54 10.03 -23.55
N LEU B 275 7.20 10.68 -22.60
CA LEU B 275 7.76 12.01 -22.80
C LEU B 275 8.86 11.97 -23.88
N ALA B 276 9.69 10.94 -23.84
CA ALA B 276 10.76 10.82 -24.81
C ALA B 276 10.22 10.53 -26.20
N LEU B 277 9.05 9.91 -26.28
CA LEU B 277 8.46 9.60 -27.58
C LEU B 277 7.79 10.85 -28.14
N GLY B 278 7.52 11.83 -27.29
CA GLY B 278 6.89 13.03 -27.81
C GLY B 278 5.86 13.73 -26.95
N ALA B 279 5.40 13.09 -25.87
CA ALA B 279 4.40 13.69 -24.99
C ALA B 279 4.96 14.86 -24.18
N ASP B 280 4.06 15.65 -23.59
CA ASP B 280 4.45 16.80 -22.76
C ASP B 280 3.89 16.62 -21.35
N LEU B 281 2.76 15.94 -21.27
CA LEU B 281 2.06 15.66 -20.02
C LEU B 281 1.65 14.16 -19.94
N LEU B 282 1.51 13.64 -18.72
CA LEU B 282 1.07 12.26 -18.53
C LEU B 282 -0.27 12.32 -17.81
N ALA B 283 -1.09 11.30 -18.02
CA ALA B 283 -2.37 11.25 -17.34
C ALA B 283 -2.65 9.82 -16.93
N VAL B 284 -3.10 9.64 -15.71
CA VAL B 284 -3.41 8.32 -15.16
C VAL B 284 -4.82 8.37 -14.57
N ALA B 285 -5.64 7.39 -14.93
CA ALA B 285 -7.01 7.35 -14.42
C ALA B 285 -7.26 6.16 -13.51
N ARG B 286 -7.63 5.05 -14.11
CA ARG B 286 -7.93 3.82 -13.39
C ARG B 286 -7.14 3.49 -12.11
N PRO B 287 -5.80 3.36 -12.19
CA PRO B 287 -5.02 3.04 -11.00
C PRO B 287 -5.25 3.95 -9.80
N LEU B 288 -5.84 5.10 -10.06
CA LEU B 288 -6.09 6.08 -9.01
C LEU B 288 -7.40 5.84 -8.25
N LEU B 289 -8.22 4.92 -8.73
CA LEU B 289 -9.49 4.58 -8.10
C LEU B 289 -9.29 4.02 -6.70
N ARG B 290 -8.44 3.01 -6.60
CA ARG B 290 -8.16 2.38 -5.32
C ARG B 290 -7.81 3.43 -4.26
N PRO B 291 -6.72 4.19 -4.47
CA PRO B 291 -6.37 5.19 -3.45
C PRO B 291 -7.43 6.28 -3.24
N ALA B 292 -8.24 6.57 -4.25
CA ALA B 292 -9.24 7.61 -4.11
C ALA B 292 -10.33 7.22 -3.13
N LEU B 293 -10.53 5.92 -2.95
CA LEU B 293 -11.53 5.42 -2.03
C LEU B 293 -10.99 5.33 -0.61
N GLU B 294 -9.69 5.57 -0.45
CA GLU B 294 -9.06 5.51 0.85
C GLU B 294 -8.57 6.89 1.30
N GLY B 295 -9.09 7.94 0.67
CA GLY B 295 -8.71 9.29 1.03
C GLY B 295 -7.59 9.91 0.23
N ALA B 296 -7.56 11.24 0.24
CA ALA B 296 -6.55 12.01 -0.46
C ALA B 296 -5.12 11.58 -0.12
N GLU B 297 -4.87 11.29 1.14
CA GLU B 297 -3.54 10.88 1.60
C GLU B 297 -3.01 9.71 0.76
N ARG B 298 -3.89 8.79 0.39
CA ARG B 298 -3.48 7.64 -0.40
C ARG B 298 -3.26 7.98 -1.88
N VAL B 299 -4.14 8.83 -2.41
CA VAL B 299 -4.04 9.26 -3.80
C VAL B 299 -2.72 10.01 -3.91
N ALA B 300 -2.56 11.00 -3.04
CA ALA B 300 -1.36 11.83 -3.00
C ALA B 300 -0.08 11.00 -2.92
N ALA B 301 -0.16 9.87 -2.23
CA ALA B 301 1.00 9.03 -2.08
C ALA B 301 1.29 8.33 -3.41
N TRP B 302 0.23 7.87 -4.07
CA TRP B 302 0.39 7.19 -5.34
C TRP B 302 1.06 8.12 -6.34
N ILE B 303 0.47 9.30 -6.55
CA ILE B 303 1.02 10.27 -7.47
C ILE B 303 2.46 10.56 -7.06
N GLY B 304 2.69 10.67 -5.75
CA GLY B 304 4.03 10.95 -5.24
C GLY B 304 5.07 9.92 -5.65
N ASP B 305 4.71 8.64 -5.61
CA ASP B 305 5.65 7.58 -5.99
C ASP B 305 5.94 7.70 -7.48
N TYR B 306 4.87 7.92 -8.24
CA TYR B 306 4.93 8.07 -9.70
C TYR B 306 5.84 9.22 -10.13
N LEU B 307 5.70 10.38 -9.48
CA LEU B 307 6.51 11.53 -9.83
C LEU B 307 7.96 11.38 -9.41
N GLU B 308 8.18 10.89 -8.19
CA GLU B 308 9.56 10.72 -7.74
C GLU B 308 10.25 9.70 -8.61
N GLU B 309 9.47 8.74 -9.10
CA GLU B 309 9.98 7.69 -9.97
C GLU B 309 10.26 8.33 -11.34
N LEU B 310 9.40 9.26 -11.74
CA LEU B 310 9.59 9.96 -13.01
C LEU B 310 10.84 10.81 -12.93
N ARG B 311 11.03 11.46 -11.78
CA ARG B 311 12.19 12.31 -11.55
C ARG B 311 13.49 11.50 -11.64
N THR B 312 13.51 10.30 -11.08
CA THR B 312 14.72 9.49 -11.16
C THR B 312 15.02 9.15 -12.63
N ALA B 313 13.99 8.75 -13.36
CA ALA B 313 14.16 8.39 -14.77
C ALA B 313 14.74 9.53 -15.62
N LEU B 314 14.22 10.74 -15.47
CA LEU B 314 14.74 11.87 -16.24
C LEU B 314 16.20 12.08 -15.85
N PHE B 315 16.48 12.00 -14.56
CA PHE B 315 17.85 12.14 -14.07
C PHE B 315 18.76 11.06 -14.71
N ALA B 316 18.34 9.80 -14.64
CA ALA B 316 19.11 8.68 -15.19
C ALA B 316 19.30 8.83 -16.70
N ILE B 317 18.36 9.55 -17.32
CA ILE B 317 18.33 9.79 -18.76
C ILE B 317 19.18 10.98 -19.23
N GLY B 318 19.58 11.84 -18.31
CA GLY B 318 20.37 13.00 -18.67
C GLY B 318 19.50 14.21 -18.95
N ALA B 319 18.20 14.09 -18.68
CA ALA B 319 17.25 15.18 -18.90
C ALA B 319 17.05 15.98 -17.61
N ARG B 320 17.09 17.31 -17.72
CA ARG B 320 16.90 18.16 -16.54
C ARG B 320 15.44 18.60 -16.37
N ASN B 321 14.58 18.17 -17.28
CA ASN B 321 13.16 18.50 -17.24
C ASN B 321 12.38 17.65 -18.28
N PRO B 322 11.04 17.62 -18.18
CA PRO B 322 10.22 16.84 -19.12
C PRO B 322 10.54 17.08 -20.59
N LYS B 323 10.70 18.34 -20.97
CA LYS B 323 10.98 18.68 -22.35
C LYS B 323 12.27 18.04 -22.88
N GLU B 324 13.30 17.98 -22.04
CA GLU B 324 14.57 17.39 -22.43
C GLU B 324 14.57 15.87 -22.56
N ALA B 325 13.46 15.23 -22.20
CA ALA B 325 13.41 13.79 -22.27
C ALA B 325 13.25 13.34 -23.71
N ARG B 326 12.75 14.25 -24.52
CA ARG B 326 12.50 13.98 -25.93
C ARG B 326 13.67 13.28 -26.62
N GLY B 327 13.36 12.17 -27.27
CA GLY B 327 14.38 11.44 -28.00
C GLY B 327 15.31 10.52 -27.23
N ARG B 328 15.41 10.71 -25.92
CA ARG B 328 16.30 9.87 -25.12
C ARG B 328 15.76 8.46 -24.89
N VAL B 329 15.31 7.83 -25.96
CA VAL B 329 14.75 6.49 -25.88
C VAL B 329 15.03 5.79 -27.21
N GLU B 330 15.24 4.47 -27.18
CA GLU B 330 15.51 3.71 -28.39
C GLU B 330 14.63 2.47 -28.46
N ARG B 331 14.53 1.90 -29.65
CA ARG B 331 13.70 0.71 -29.86
C ARG B 331 14.34 -0.56 -29.30
N VAL B 332 13.61 -1.67 -29.41
CA VAL B 332 14.05 -2.97 -28.90
C VAL B 332 14.24 -2.85 -27.40
CD CD C . 26.92 -9.90 35.73
N1 FMN D . 13.16 -13.51 17.54
C2 FMN D . 13.67 -13.32 18.76
O2 FMN D . 13.36 -13.88 19.81
N3 FMN D . 14.74 -12.32 18.91
C4 FMN D . 15.25 -11.56 17.81
O4 FMN D . 16.14 -10.76 18.12
C4A FMN D . 14.66 -11.81 16.58
N5 FMN D . 15.10 -11.14 15.55
C5A FMN D . 14.53 -11.35 14.26
C6 FMN D . 14.96 -10.64 13.10
C7 FMN D . 14.33 -10.89 11.82
C7M FMN D . 14.98 -9.98 10.76
C8 FMN D . 13.26 -11.89 11.69
C8M FMN D . 12.64 -12.12 10.37
C9 FMN D . 12.85 -12.59 12.80
C9A FMN D . 13.45 -12.37 14.16
N10 FMN D . 12.96 -13.12 15.22
C10 FMN D . 13.55 -12.86 16.43
C1' FMN D . 11.91 -14.12 15.20
C2' FMN D . 10.49 -13.58 15.31
O2' FMN D . 10.34 -12.88 16.51
C3' FMN D . 9.54 -14.76 15.26
O3' FMN D . 10.23 -16.03 15.11
C4' FMN D . 8.51 -14.78 14.10
O4' FMN D . 7.70 -15.92 14.16
C5' FMN D . 9.03 -14.63 12.64
O5' FMN D . 8.17 -13.57 12.11
P FMN D . 6.67 -13.94 11.85
O1P FMN D . 5.68 -12.87 11.34
O2P FMN D . 6.36 -15.37 11.58
O3P FMN D . 7.16 -13.85 10.40
N1 FMN E . -13.06 9.68 -20.01
C2 FMN E . -13.71 10.80 -20.30
O2 FMN E . -13.46 11.63 -21.16
N3 FMN E . -14.92 11.12 -19.49
C4 FMN E . -15.39 10.28 -18.43
O4 FMN E . -16.42 10.69 -17.85
C4A FMN E . -14.65 9.13 -18.21
N5 FMN E . -15.05 8.33 -17.26
C5A FMN E . -14.33 7.14 -16.97
C6 FMN E . -14.71 6.23 -15.94
C7 FMN E . -13.93 5.03 -15.68
C7M FMN E . -14.57 4.26 -14.53
C8 FMN E . -12.75 4.74 -16.49
C8M FMN E . -11.96 3.53 -16.21
C9 FMN E . -12.35 5.61 -17.49
C9A FMN E . -13.12 6.86 -17.80
N10 FMN E . -12.66 7.68 -18.83
C10 FMN E . -13.41 8.81 -19.05
C1' FMN E . -11.50 7.49 -19.70
C2' FMN E . -10.17 7.94 -19.09
O2' FMN E . -10.23 9.31 -18.80
C3' FMN E . -9.10 7.66 -20.10
O3' FMN E . -9.62 6.98 -21.27
C4' FMN E . -7.95 6.75 -19.66
O4' FMN E . -7.02 6.57 -20.69
C5' FMN E . -8.30 5.35 -19.06
O5' FMN E . -7.52 5.34 -17.83
P FMN E . -5.97 5.21 -17.95
O1P FMN E . -5.07 5.25 -16.71
O2P FMN E . -5.45 4.55 -19.18
O3P FMN E . -6.27 3.81 -17.42
#